data_3EYY
#
_entry.id   3EYY
#
_cell.length_a   79.164
_cell.length_b   79.164
_cell.length_c   49.732
_cell.angle_alpha   90.00
_cell.angle_beta   90.00
_cell.angle_gamma   120.00
#
_symmetry.space_group_name_H-M   'P 31'
#
loop_
_entity.id
_entity.type
_entity.pdbx_description
1 polymer 'Putative iron uptake regulatory protein'
2 non-polymer 'NICKEL (II) ION'
3 non-polymer 'ZINC ION'
4 non-polymer 'CHLORIDE ION'
5 non-polymer 1,2-ETHANEDIOL
6 non-polymer 'MALONATE ION'
7 water water
#
_entity_poly.entity_id   1
_entity_poly.type   'polypeptide(L)'
_entity_poly.pdbx_seq_one_letter_code
;MVSTDWKSDLRQRGYRLTPQRQLVLEAVDTLEHATPDDILGEVRKTASGINISTVYRTLELLEELGLVSHAHLGHGAPTY
HLADRHHHIHLVCRDCTNVIEADLSVAADFTAKLREQFGFDTDMKHFAIFGRCESCSLKGSTTDS
;
_entity_poly.pdbx_strand_id   A,B
#
loop_
_chem_comp.id
_chem_comp.type
_chem_comp.name
_chem_comp.formula
CL non-polymer 'CHLORIDE ION' 'Cl -1'
EDO non-polymer 1,2-ETHANEDIOL 'C2 H6 O2'
MLI non-polymer 'MALONATE ION' 'C3 H2 O4 -2'
NI non-polymer 'NICKEL (II) ION' 'Ni 2'
ZN non-polymer 'ZINC ION' 'Zn 2'
#
# COMPACT_ATOMS: atom_id res chain seq x y z
N SER A 3 -15.09 17.98 -7.52
CA SER A 3 -16.43 18.61 -7.69
C SER A 3 -16.27 20.13 -7.83
N THR A 4 -17.04 20.70 -8.74
CA THR A 4 -16.99 22.15 -8.99
C THR A 4 -17.96 22.98 -8.16
N ASP A 5 -18.49 22.41 -7.08
CA ASP A 5 -19.42 23.15 -6.22
C ASP A 5 -18.74 23.41 -4.88
N TRP A 6 -17.49 22.98 -4.79
CA TRP A 6 -16.71 23.11 -3.58
C TRP A 6 -16.79 24.45 -2.85
N LYS A 7 -16.76 25.55 -3.60
CA LYS A 7 -16.77 26.85 -2.94
C LYS A 7 -18.02 27.17 -2.13
N SER A 8 -19.19 26.87 -2.69
CA SER A 8 -20.43 27.15 -1.98
C SER A 8 -20.61 26.19 -0.81
N ASP A 9 -20.23 24.94 -1.00
CA ASP A 9 -20.36 23.97 0.08
C ASP A 9 -19.53 24.35 1.30
N LEU A 10 -18.29 24.81 1.08
CA LEU A 10 -17.43 25.18 2.19
C LEU A 10 -17.91 26.44 2.90
N ARG A 11 -18.37 27.40 2.12
CA ARG A 11 -18.88 28.67 2.65
C ARG A 11 -20.09 28.39 3.52
N GLN A 12 -20.94 27.47 3.06
CA GLN A 12 -22.14 27.11 3.80
C GLN A 12 -21.78 26.36 5.08
N ARG A 13 -20.47 26.20 5.30
CA ARG A 13 -19.93 25.50 6.48
C ARG A 13 -18.92 26.39 7.19
N GLY A 14 -18.78 27.63 6.72
CA GLY A 14 -17.87 28.57 7.35
C GLY A 14 -16.41 28.47 6.95
N TYR A 15 -16.14 27.89 5.78
CA TYR A 15 -14.77 27.73 5.32
C TYR A 15 -14.47 28.33 3.95
N ARG A 16 -13.27 28.89 3.83
CA ARG A 16 -12.80 29.46 2.59
C ARG A 16 -11.34 29.06 2.38
N LEU A 17 -10.97 28.86 1.12
CA LEU A 17 -9.62 28.47 0.77
C LEU A 17 -8.80 29.64 0.30
N THR A 18 -7.64 29.82 0.90
CA THR A 18 -6.73 30.87 0.52
C THR A 18 -6.15 30.50 -0.85
N PRO A 19 -5.47 31.44 -1.53
CA PRO A 19 -4.91 31.12 -2.84
C PRO A 19 -4.12 29.83 -2.86
N GLN A 20 -3.17 29.71 -1.95
CA GLN A 20 -2.34 28.51 -1.90
C GLN A 20 -3.14 27.23 -1.66
N ARG A 21 -4.24 27.32 -0.93
CA ARG A 21 -5.03 26.11 -0.70
C ARG A 21 -5.78 25.77 -1.97
N GLN A 22 -6.22 26.80 -2.69
CA GLN A 22 -6.92 26.57 -3.95
C GLN A 22 -5.96 26.00 -4.97
N LEU A 23 -4.72 26.47 -4.97
CA LEU A 23 -3.70 25.99 -5.89
C LEU A 23 -3.47 24.48 -5.72
N VAL A 24 -3.42 24.03 -4.48
CA VAL A 24 -3.23 22.61 -4.18
C VAL A 24 -4.45 21.82 -4.62
N LEU A 25 -5.63 22.38 -4.40
CA LEU A 25 -6.84 21.69 -4.83
C LEU A 25 -6.83 21.57 -6.35
N GLU A 26 -6.44 22.64 -7.03
CA GLU A 26 -6.37 22.60 -8.50
C GLU A 26 -5.36 21.55 -8.97
N ALA A 27 -4.20 21.51 -8.31
CA ALA A 27 -3.17 20.53 -8.65
C ALA A 27 -3.67 19.10 -8.53
N VAL A 28 -4.37 18.78 -7.45
CA VAL A 28 -4.89 17.42 -7.29
C VAL A 28 -5.88 17.13 -8.43
N ASP A 29 -6.61 18.16 -8.82
CA ASP A 29 -7.58 18.04 -9.91
C ASP A 29 -6.85 17.81 -11.22
N THR A 30 -5.89 18.69 -11.50
CA THR A 30 -5.10 18.63 -12.74
C THR A 30 -4.18 17.44 -12.94
N LEU A 31 -3.45 17.07 -11.90
CA LEU A 31 -2.49 15.99 -11.96
C LEU A 31 -2.94 14.56 -12.15
N GLU A 32 -4.03 14.15 -11.52
CA GLU A 32 -4.46 12.76 -11.66
C GLU A 32 -3.38 11.82 -11.06
N HIS A 33 -3.71 11.18 -9.94
CA HIS A 33 -2.80 10.25 -9.25
C HIS A 33 -1.54 10.98 -8.79
N ALA A 34 -1.72 12.16 -8.24
CA ALA A 34 -0.60 12.97 -7.77
C ALA A 34 -0.11 12.67 -6.37
N THR A 35 1.21 12.71 -6.22
CA THR A 35 1.87 12.49 -4.93
C THR A 35 2.10 13.88 -4.36
N PRO A 36 2.28 13.98 -3.04
CA PRO A 36 2.52 15.28 -2.44
C PRO A 36 3.61 16.07 -3.15
N ASP A 37 4.62 15.35 -3.62
CA ASP A 37 5.74 15.99 -4.30
C ASP A 37 5.35 16.47 -5.69
N ASP A 38 4.49 15.72 -6.36
CA ASP A 38 4.06 16.12 -7.69
C ASP A 38 3.28 17.41 -7.48
N ILE A 39 2.43 17.41 -6.47
CA ILE A 39 1.62 18.58 -6.15
C ILE A 39 2.53 19.76 -5.86
N LEU A 40 3.60 19.51 -5.12
CA LEU A 40 4.54 20.58 -4.77
C LEU A 40 5.04 21.24 -6.04
N GLY A 41 5.46 20.40 -6.98
CA GLY A 41 5.99 20.87 -8.24
C GLY A 41 4.97 21.69 -9.01
N GLU A 42 3.74 21.19 -9.09
CA GLU A 42 2.69 21.90 -9.80
C GLU A 42 2.36 23.24 -9.17
N VAL A 43 2.22 23.28 -7.85
CA VAL A 43 1.87 24.50 -7.17
C VAL A 43 2.94 25.55 -7.25
N ARG A 44 4.20 25.13 -7.32
CA ARG A 44 5.28 26.10 -7.40
C ARG A 44 5.21 26.97 -8.66
N LYS A 45 4.53 26.48 -9.70
CA LYS A 45 4.36 27.25 -10.94
C LYS A 45 3.55 28.52 -10.70
N THR A 46 2.90 28.61 -9.54
CA THR A 46 2.10 29.79 -9.24
C THR A 46 2.59 30.45 -7.97
N ALA A 47 2.90 29.60 -6.99
CA ALA A 47 3.42 30.06 -5.72
C ALA A 47 4.75 29.34 -5.55
N SER A 48 5.80 29.94 -6.08
CA SER A 48 7.11 29.33 -5.97
C SER A 48 7.58 29.21 -4.52
N GLY A 49 7.18 30.14 -3.67
CA GLY A 49 7.62 30.11 -2.29
C GLY A 49 6.97 29.07 -1.37
N ILE A 50 6.28 28.08 -1.91
CA ILE A 50 5.64 27.08 -1.06
C ILE A 50 6.52 25.85 -0.81
N ASN A 51 6.46 25.32 0.41
CA ASN A 51 7.24 24.13 0.76
C ASN A 51 6.32 22.91 0.90
N ILE A 52 6.92 21.73 0.97
CA ILE A 52 6.16 20.50 1.06
C ILE A 52 5.38 20.28 2.36
N SER A 53 5.83 20.86 3.46
CA SER A 53 5.10 20.69 4.69
C SER A 53 3.72 21.36 4.55
N THR A 54 3.69 22.49 3.84
CA THR A 54 2.45 23.21 3.62
C THR A 54 1.54 22.35 2.74
N VAL A 55 2.16 21.63 1.80
CA VAL A 55 1.40 20.77 0.92
C VAL A 55 0.86 19.60 1.72
N TYR A 56 1.64 19.08 2.68
CA TYR A 56 1.17 17.97 3.50
C TYR A 56 -0.04 18.37 4.34
N ARG A 57 0.04 19.54 4.96
CA ARG A 57 -1.06 20.00 5.78
C ARG A 57 -2.31 20.34 4.97
N THR A 58 -2.14 21.01 3.83
CA THR A 58 -3.29 21.37 3.02
C THR A 58 -4.01 20.11 2.58
N LEU A 59 -3.27 19.07 2.19
CA LEU A 59 -3.91 17.83 1.77
C LEU A 59 -4.65 17.19 2.95
N GLU A 60 -4.04 17.22 4.14
CA GLU A 60 -4.69 16.67 5.31
C GLU A 60 -6.00 17.41 5.53
N LEU A 61 -5.93 18.74 5.49
CA LEU A 61 -7.12 19.56 5.67
C LEU A 61 -8.21 19.29 4.62
N LEU A 62 -7.84 19.35 3.35
CA LEU A 62 -8.78 19.12 2.25
C LEU A 62 -9.43 17.74 2.33
N GLU A 63 -8.68 16.76 2.79
CA GLU A 63 -9.22 15.40 2.91
C GLU A 63 -10.25 15.41 4.04
N GLU A 64 -9.88 15.99 5.17
CA GLU A 64 -10.77 16.07 6.32
C GLU A 64 -12.03 16.84 5.98
N LEU A 65 -11.89 17.80 5.07
CA LEU A 65 -13.00 18.64 4.66
C LEU A 65 -13.89 17.89 3.67
N GLY A 66 -13.39 16.80 3.10
CA GLY A 66 -14.18 16.03 2.16
C GLY A 66 -13.92 16.33 0.69
N LEU A 67 -13.06 17.33 0.39
CA LEU A 67 -12.80 17.68 -1.01
C LEU A 67 -11.80 16.78 -1.73
N VAL A 68 -10.89 16.22 -0.95
CA VAL A 68 -9.85 15.38 -1.48
C VAL A 68 -9.84 14.01 -0.81
N SER A 69 -9.36 13.01 -1.54
CA SER A 69 -9.26 11.66 -1.01
C SER A 69 -7.99 11.02 -1.56
N HIS A 70 -7.48 10.00 -0.87
CA HIS A 70 -6.27 9.34 -1.34
C HIS A 70 -6.49 7.85 -1.59
N ALA A 71 -5.57 7.28 -2.35
CA ALA A 71 -5.61 5.86 -2.69
C ALA A 71 -4.16 5.45 -2.87
N HIS A 72 -3.86 4.21 -2.59
CA HIS A 72 -2.51 3.74 -2.69
C HIS A 72 -2.25 3.02 -4.01
N LEU A 73 -1.04 3.25 -4.54
CA LEU A 73 -0.63 2.65 -5.79
C LEU A 73 0.61 1.79 -5.54
N GLY A 74 1.57 1.87 -6.45
CA GLY A 74 2.79 1.09 -6.30
C GLY A 74 3.52 1.32 -5.00
N HIS A 75 4.03 0.24 -4.41
CA HIS A 75 4.77 0.33 -3.15
C HIS A 75 3.92 0.87 -2.03
N GLY A 76 2.61 0.94 -2.27
CA GLY A 76 1.70 1.42 -1.24
C GLY A 76 1.75 2.91 -1.05
N ALA A 77 2.30 3.61 -2.04
CA ALA A 77 2.40 5.07 -1.98
C ALA A 77 1.04 5.72 -2.24
N PRO A 78 0.62 6.64 -1.36
CA PRO A 78 -0.67 7.32 -1.53
C PRO A 78 -0.66 8.41 -2.59
N THR A 79 -1.74 8.46 -3.37
CA THR A 79 -1.87 9.49 -4.40
C THR A 79 -3.20 10.16 -4.13
N TYR A 80 -3.27 11.45 -4.39
CA TYR A 80 -4.49 12.21 -4.12
C TYR A 80 -5.32 12.54 -5.34
N HIS A 81 -6.63 12.53 -5.14
CA HIS A 81 -7.58 12.85 -6.20
C HIS A 81 -8.77 13.51 -5.50
N LEU A 82 -9.63 14.16 -6.27
CA LEU A 82 -10.81 14.80 -5.73
C LEU A 82 -11.77 13.72 -5.25
N ALA A 83 -12.43 13.99 -4.13
CA ALA A 83 -13.35 13.03 -3.54
C ALA A 83 -14.37 12.43 -4.51
N ASP A 84 -14.78 13.22 -5.49
CA ASP A 84 -15.78 12.78 -6.47
C ASP A 84 -15.26 11.94 -7.65
N ARG A 85 -13.95 11.98 -7.90
CA ARG A 85 -13.36 11.24 -9.01
C ARG A 85 -12.67 9.93 -8.61
N HIS A 86 -12.18 9.22 -9.63
CA HIS A 86 -11.46 7.96 -9.45
C HIS A 86 -12.14 6.92 -8.60
N HIS A 87 -13.42 6.68 -8.86
CA HIS A 87 -14.16 5.67 -8.10
C HIS A 87 -13.99 4.35 -8.82
N HIS A 88 -12.85 3.69 -8.60
CA HIS A 88 -12.58 2.41 -9.25
C HIS A 88 -11.38 1.68 -8.64
N ILE A 89 -11.04 0.56 -9.26
CA ILE A 89 -9.93 -0.30 -8.82
C ILE A 89 -8.68 -0.17 -9.68
N HIS A 90 -7.53 0.03 -9.04
CA HIS A 90 -6.27 0.16 -9.75
C HIS A 90 -5.53 -1.17 -9.76
N LEU A 91 -4.97 -1.51 -10.92
CA LEU A 91 -4.21 -2.75 -11.10
C LEU A 91 -2.79 -2.36 -11.45
N VAL A 92 -1.87 -2.61 -10.53
CA VAL A 92 -0.48 -2.25 -10.73
C VAL A 92 0.34 -3.37 -11.35
N CYS A 93 0.92 -3.08 -12.52
CA CYS A 93 1.73 -4.05 -13.25
C CYS A 93 3.11 -4.27 -12.66
N ARG A 94 3.48 -5.54 -12.60
CA ARG A 94 4.76 -5.97 -12.05
C ARG A 94 5.98 -5.57 -12.89
N ASP A 95 5.80 -4.62 -13.81
CA ASP A 95 6.92 -4.19 -14.64
C ASP A 95 6.65 -2.93 -15.44
N CYS A 96 5.57 -2.94 -16.23
CA CYS A 96 5.22 -1.78 -17.05
C CYS A 96 4.79 -0.60 -16.17
N THR A 97 5.32 0.58 -16.47
CA THR A 97 4.99 1.78 -15.72
C THR A 97 3.61 2.29 -16.11
N ASN A 98 2.60 1.44 -15.95
CA ASN A 98 1.23 1.80 -16.28
C ASN A 98 0.24 1.15 -15.33
N VAL A 99 -0.74 1.93 -14.90
CA VAL A 99 -1.78 1.47 -13.99
C VAL A 99 -3.08 1.36 -14.75
N ILE A 100 -3.71 0.19 -14.66
CA ILE A 100 -4.98 0.00 -15.36
C ILE A 100 -6.14 0.16 -14.38
N GLU A 101 -7.06 1.04 -14.74
CA GLU A 101 -8.24 1.32 -13.93
C GLU A 101 -9.39 0.42 -14.36
N ALA A 102 -10.08 -0.19 -13.39
CA ALA A 102 -11.17 -1.09 -13.71
C ALA A 102 -12.43 -0.83 -12.89
N ASP A 103 -13.57 -0.75 -13.59
CA ASP A 103 -14.86 -0.52 -12.93
C ASP A 103 -14.97 -1.47 -11.75
N LEU A 104 -15.31 -0.95 -10.57
CA LEU A 104 -15.39 -1.79 -9.39
C LEU A 104 -16.51 -2.83 -9.40
N SER A 105 -17.44 -2.70 -10.34
CA SER A 105 -18.54 -3.67 -10.45
C SER A 105 -17.87 -4.98 -10.82
N VAL A 106 -16.75 -4.85 -11.54
CA VAL A 106 -15.94 -5.98 -11.99
C VAL A 106 -15.39 -6.75 -10.78
N ALA A 107 -16.00 -6.51 -9.62
CA ALA A 107 -15.61 -7.15 -8.38
C ALA A 107 -16.83 -7.26 -7.49
N ALA A 108 -18.01 -7.22 -8.12
CA ALA A 108 -19.29 -7.30 -7.41
C ALA A 108 -19.43 -8.57 -6.58
N ASP A 109 -19.12 -9.71 -7.18
CA ASP A 109 -19.24 -10.98 -6.47
C ASP A 109 -18.18 -11.07 -5.39
N PHE A 110 -16.92 -10.85 -5.77
CA PHE A 110 -15.82 -10.92 -4.83
C PHE A 110 -16.08 -10.17 -3.52
N THR A 111 -16.41 -8.90 -3.62
CA THR A 111 -16.69 -8.11 -2.42
C THR A 111 -17.79 -8.78 -1.61
N ALA A 112 -18.79 -9.30 -2.31
CA ALA A 112 -19.90 -9.97 -1.64
C ALA A 112 -19.40 -11.22 -0.92
N LYS A 113 -18.57 -12.01 -1.63
CA LYS A 113 -18.02 -13.22 -1.06
C LYS A 113 -17.31 -12.90 0.26
N LEU A 114 -16.66 -11.74 0.29
CA LEU A 114 -15.95 -11.29 1.49
C LEU A 114 -16.92 -10.85 2.58
N ARG A 115 -17.92 -10.08 2.19
CA ARG A 115 -18.92 -9.58 3.12
C ARG A 115 -19.56 -10.72 3.92
N GLU A 116 -19.60 -11.91 3.32
CA GLU A 116 -20.19 -13.09 3.97
C GLU A 116 -19.18 -13.95 4.74
N GLN A 117 -18.32 -14.65 3.99
CA GLN A 117 -17.31 -15.53 4.59
C GLN A 117 -16.46 -14.92 5.69
N PHE A 118 -16.42 -13.59 5.77
CA PHE A 118 -15.61 -12.90 6.79
C PHE A 118 -16.32 -11.73 7.47
N GLY A 119 -17.46 -11.32 6.90
CA GLY A 119 -18.20 -10.20 7.48
C GLY A 119 -17.34 -8.95 7.33
N PHE A 120 -16.68 -8.86 6.18
CA PHE A 120 -15.78 -7.76 5.85
C PHE A 120 -16.31 -6.99 4.63
N ASP A 121 -16.60 -5.71 4.82
CA ASP A 121 -17.11 -4.89 3.72
C ASP A 121 -15.99 -4.04 3.13
N THR A 122 -15.71 -4.25 1.85
CA THR A 122 -14.62 -3.53 1.20
C THR A 122 -14.98 -2.85 -0.11
N ASP A 123 -14.28 -1.75 -0.37
CA ASP A 123 -14.45 -0.94 -1.57
C ASP A 123 -13.58 -1.43 -2.73
N MET A 124 -12.38 -1.91 -2.39
CA MET A 124 -11.40 -2.37 -3.37
C MET A 124 -10.63 -1.20 -3.97
N LYS A 125 -10.93 0.00 -3.48
CA LYS A 125 -10.30 1.21 -3.99
C LYS A 125 -9.03 1.69 -3.29
N HIS A 126 -9.09 1.80 -1.96
CA HIS A 126 -7.97 2.30 -1.19
C HIS A 126 -6.60 1.77 -1.54
N PHE A 127 -6.48 0.46 -1.70
CA PHE A 127 -5.21 -0.13 -2.06
C PHE A 127 -5.28 -0.73 -3.46
N ALA A 128 -4.16 -0.68 -4.16
CA ALA A 128 -4.09 -1.21 -5.50
C ALA A 128 -3.92 -2.73 -5.45
N ILE A 129 -4.02 -3.37 -6.61
CA ILE A 129 -3.86 -4.81 -6.71
C ILE A 129 -2.68 -5.03 -7.60
N PHE A 130 -1.67 -5.73 -7.09
CA PHE A 130 -0.45 -5.99 -7.82
C PHE A 130 -0.50 -7.33 -8.57
N GLY A 131 0.01 -7.34 -9.80
CA GLY A 131 0.02 -8.55 -10.59
C GLY A 131 0.77 -8.42 -11.89
N ARG A 132 0.58 -9.39 -12.78
CA ARG A 132 1.25 -9.40 -14.09
C ARG A 132 0.27 -9.06 -15.21
N CYS A 133 0.70 -8.24 -16.16
CA CYS A 133 -0.17 -7.87 -17.27
C CYS A 133 0.43 -8.27 -18.61
N GLU A 134 -0.36 -8.99 -19.40
CA GLU A 134 0.08 -9.46 -20.72
C GLU A 134 0.57 -8.31 -21.60
N SER A 135 0.10 -7.10 -21.31
CA SER A 135 0.48 -5.94 -22.10
C SER A 135 1.80 -5.35 -21.64
N SER B 3 11.74 -20.85 5.89
CA SER B 3 12.18 -22.25 5.63
C SER B 3 13.43 -22.57 6.45
N THR B 4 13.48 -23.77 7.02
CA THR B 4 14.60 -24.19 7.85
C THR B 4 15.73 -24.89 7.08
N ASP B 5 15.77 -24.75 5.76
CA ASP B 5 16.82 -25.38 4.96
C ASP B 5 17.71 -24.30 4.39
N TRP B 6 17.41 -23.06 4.76
CA TRP B 6 18.12 -21.90 4.27
C TRP B 6 19.65 -21.99 4.26
N LYS B 7 20.23 -22.56 5.30
CA LYS B 7 21.69 -22.61 5.35
C LYS B 7 22.35 -23.44 4.26
N SER B 8 21.81 -24.62 3.97
CA SER B 8 22.38 -25.49 2.94
C SER B 8 22.12 -24.90 1.56
N ASP B 9 20.94 -24.35 1.35
CA ASP B 9 20.63 -23.75 0.06
C ASP B 9 21.57 -22.60 -0.30
N LEU B 10 21.87 -21.73 0.66
CA LEU B 10 22.77 -20.60 0.41
C LEU B 10 24.20 -21.05 0.17
N ARG B 11 24.64 -22.03 0.96
CA ARG B 11 26.00 -22.56 0.83
C ARG B 11 26.17 -23.18 -0.55
N GLN B 12 25.14 -23.88 -1.01
CA GLN B 12 25.18 -24.51 -2.32
C GLN B 12 25.16 -23.46 -3.42
N ARG B 13 25.14 -22.19 -3.01
CA ARG B 13 25.12 -21.05 -3.92
C ARG B 13 26.26 -20.09 -3.59
N GLY B 14 27.12 -20.49 -2.66
CA GLY B 14 28.25 -19.66 -2.29
C GLY B 14 27.97 -18.54 -1.30
N TYR B 15 26.90 -18.66 -0.53
CA TYR B 15 26.56 -17.61 0.44
C TYR B 15 26.41 -18.08 1.87
N ARG B 16 26.86 -17.22 2.79
CA ARG B 16 26.74 -17.48 4.20
C ARG B 16 26.31 -16.21 4.91
N LEU B 17 25.50 -16.37 5.96
CA LEU B 17 25.00 -15.25 6.73
C LEU B 17 25.80 -15.04 8.01
N THR B 18 26.28 -13.82 8.18
CA THR B 18 27.02 -13.44 9.37
C THR B 18 26.02 -13.43 10.55
N PRO B 19 26.51 -13.36 11.79
CA PRO B 19 25.60 -13.34 12.94
C PRO B 19 24.48 -12.34 12.79
N GLN B 20 24.83 -11.09 12.50
CA GLN B 20 23.82 -10.06 12.37
C GLN B 20 22.82 -10.33 11.27
N ARG B 21 23.24 -11.02 10.20
CA ARG B 21 22.30 -11.29 9.12
C ARG B 21 21.36 -12.39 9.58
N GLN B 22 21.90 -13.34 10.33
CA GLN B 22 21.08 -14.42 10.85
C GLN B 22 20.08 -13.88 11.86
N LEU B 23 20.52 -12.91 12.66
CA LEU B 23 19.65 -12.29 13.67
C LEU B 23 18.42 -11.63 13.01
N VAL B 24 18.65 -10.94 11.89
CA VAL B 24 17.56 -10.29 11.17
C VAL B 24 16.65 -11.34 10.58
N LEU B 25 17.23 -12.43 10.06
CA LEU B 25 16.39 -13.47 9.48
C LEU B 25 15.53 -14.10 10.58
N GLU B 26 16.13 -14.33 11.76
CA GLU B 26 15.37 -14.89 12.89
C GLU B 26 14.25 -13.93 13.30
N ALA B 27 14.56 -12.64 13.34
CA ALA B 27 13.56 -11.62 13.71
C ALA B 27 12.36 -11.63 12.77
N VAL B 28 12.60 -11.73 11.47
CA VAL B 28 11.48 -11.76 10.51
C VAL B 28 10.66 -13.02 10.76
N ASP B 29 11.35 -14.08 11.14
CA ASP B 29 10.71 -15.36 11.44
C ASP B 29 9.86 -15.22 12.70
N THR B 30 10.49 -14.71 13.75
CA THR B 30 9.85 -14.54 15.06
C THR B 30 8.73 -13.52 15.15
N LEU B 31 8.94 -12.36 14.57
CA LEU B 31 7.98 -11.27 14.64
C LEU B 31 6.63 -11.39 13.95
N GLU B 32 6.57 -11.97 12.76
CA GLU B 32 5.28 -12.04 12.08
C GLU B 32 4.78 -10.61 11.75
N HIS B 33 4.76 -10.27 10.46
CA HIS B 33 4.32 -8.95 9.99
C HIS B 33 5.19 -7.83 10.56
N ALA B 34 6.50 -8.06 10.57
CA ALA B 34 7.44 -7.09 11.11
C ALA B 34 7.87 -5.99 10.15
N THR B 35 8.01 -4.79 10.71
CA THR B 35 8.47 -3.63 9.96
C THR B 35 9.96 -3.53 10.23
N PRO B 36 10.69 -2.84 9.35
CA PRO B 36 12.13 -2.71 9.56
C PRO B 36 12.47 -2.26 10.97
N ASP B 37 11.62 -1.39 11.54
CA ASP B 37 11.86 -0.88 12.87
C ASP B 37 11.59 -1.93 13.94
N ASP B 38 10.57 -2.76 13.72
CA ASP B 38 10.27 -3.81 14.67
C ASP B 38 11.49 -4.72 14.68
N ILE B 39 11.98 -5.03 13.48
CA ILE B 39 13.14 -5.89 13.33
C ILE B 39 14.32 -5.29 14.07
N LEU B 40 14.50 -3.97 13.93
CA LEU B 40 15.61 -3.29 14.59
C LEU B 40 15.56 -3.55 16.07
N GLY B 41 14.36 -3.37 16.62
CA GLY B 41 14.15 -3.57 18.04
C GLY B 41 14.47 -4.98 18.48
N GLU B 42 13.99 -5.96 17.73
CA GLU B 42 14.23 -7.35 18.05
C GLU B 42 15.71 -7.73 17.98
N VAL B 43 16.39 -7.29 16.92
CA VAL B 43 17.79 -7.62 16.74
C VAL B 43 18.66 -6.97 17.80
N ARG B 44 18.27 -5.81 18.28
CA ARG B 44 19.10 -5.14 19.29
C ARG B 44 19.24 -5.95 20.58
N LYS B 45 18.30 -6.86 20.83
CA LYS B 45 18.36 -7.73 22.02
C LYS B 45 19.56 -8.66 21.97
N THR B 46 20.21 -8.76 20.81
CA THR B 46 21.36 -9.64 20.68
C THR B 46 22.57 -8.83 20.24
N ALA B 47 22.33 -7.93 19.29
CA ALA B 47 23.38 -7.05 18.77
C ALA B 47 22.85 -5.64 18.98
N SER B 48 23.11 -5.10 20.16
CA SER B 48 22.65 -3.77 20.47
C SER B 48 23.26 -2.71 19.55
N GLY B 49 24.49 -2.94 19.11
CA GLY B 49 25.15 -1.97 18.25
C GLY B 49 24.70 -1.88 16.80
N ILE B 50 23.55 -2.45 16.46
CA ILE B 50 23.10 -2.39 15.07
C ILE B 50 22.17 -1.21 14.79
N ASN B 51 22.30 -0.61 13.60
CA ASN B 51 21.45 0.50 13.22
C ASN B 51 20.44 0.08 12.15
N ILE B 52 19.46 0.93 11.89
CA ILE B 52 18.43 0.62 10.92
C ILE B 52 18.87 0.54 9.46
N SER B 53 19.93 1.25 9.09
CA SER B 53 20.37 1.19 7.72
C SER B 53 20.87 -0.24 7.43
N THR B 54 21.50 -0.85 8.43
CA THR B 54 21.99 -2.22 8.29
C THR B 54 20.81 -3.15 8.16
N VAL B 55 19.73 -2.84 8.87
CA VAL B 55 18.53 -3.65 8.80
C VAL B 55 17.90 -3.47 7.42
N TYR B 56 17.96 -2.26 6.86
CA TYR B 56 17.37 -2.05 5.53
C TYR B 56 18.12 -2.84 4.46
N ARG B 57 19.45 -2.82 4.52
CA ARG B 57 20.24 -3.55 3.55
C ARG B 57 20.12 -5.07 3.70
N THR B 58 20.14 -5.56 4.94
CA THR B 58 20.04 -6.99 5.14
C THR B 58 18.71 -7.49 4.59
N LEU B 59 17.63 -6.75 4.81
CA LEU B 59 16.33 -7.16 4.29
C LEU B 59 16.36 -7.15 2.75
N GLU B 60 16.98 -6.13 2.16
CA GLU B 60 17.07 -6.06 0.72
C GLU B 60 17.80 -7.30 0.22
N LEU B 61 18.95 -7.58 0.85
CA LEU B 61 19.73 -8.75 0.47
C LEU B 61 18.95 -10.05 0.62
N LEU B 62 18.39 -10.29 1.81
CA LEU B 62 17.64 -11.52 2.06
C LEU B 62 16.47 -11.70 1.09
N GLU B 63 15.84 -10.61 0.71
CA GLU B 63 14.72 -10.69 -0.22
C GLU B 63 15.25 -11.10 -1.60
N GLU B 64 16.33 -10.47 -2.02
CA GLU B 64 16.95 -10.76 -3.30
C GLU B 64 17.44 -12.20 -3.33
N LEU B 65 17.84 -12.71 -2.18
CA LEU B 65 18.35 -14.06 -2.04
C LEU B 65 17.20 -15.07 -2.05
N GLY B 66 15.99 -14.59 -1.84
CA GLY B 66 14.83 -15.47 -1.83
C GLY B 66 14.37 -15.95 -0.45
N LEU B 67 15.10 -15.59 0.60
CA LEU B 67 14.72 -16.04 1.95
C LEU B 67 13.59 -15.25 2.60
N VAL B 68 13.51 -13.98 2.22
CA VAL B 68 12.52 -13.09 2.79
C VAL B 68 11.65 -12.45 1.70
N SER B 69 10.43 -12.08 2.06
CA SER B 69 9.52 -11.43 1.14
C SER B 69 8.71 -10.40 1.91
N HIS B 70 8.16 -9.42 1.21
CA HIS B 70 7.37 -8.39 1.88
C HIS B 70 5.96 -8.31 1.34
N ALA B 71 5.10 -7.68 2.12
CA ALA B 71 3.70 -7.50 1.75
C ALA B 71 3.28 -6.22 2.44
N HIS B 72 2.33 -5.53 1.84
CA HIS B 72 1.88 -4.27 2.39
C HIS B 72 0.62 -4.41 3.21
N LEU B 73 0.56 -3.65 4.29
CA LEU B 73 -0.56 -3.65 5.20
C LEU B 73 -1.17 -2.27 5.26
N GLY B 74 -1.55 -1.83 6.46
CA GLY B 74 -2.13 -0.52 6.62
C GLY B 74 -1.27 0.61 6.08
N HIS B 75 -1.90 1.58 5.44
CA HIS B 75 -1.20 2.73 4.89
C HIS B 75 -0.18 2.32 3.83
N GLY B 76 -0.26 1.08 3.40
CA GLY B 76 0.64 0.59 2.37
C GLY B 76 2.04 0.32 2.89
N ALA B 77 2.17 0.22 4.21
CA ALA B 77 3.46 -0.03 4.84
C ALA B 77 3.88 -1.49 4.64
N PRO B 78 5.11 -1.71 4.15
CA PRO B 78 5.60 -3.08 3.93
C PRO B 78 6.03 -3.80 5.20
N THR B 79 5.67 -5.08 5.29
CA THR B 79 6.05 -5.89 6.43
C THR B 79 6.76 -7.11 5.86
N TYR B 80 7.75 -7.61 6.58
CA TYR B 80 8.53 -8.74 6.09
C TYR B 80 8.21 -10.07 6.75
N HIS B 81 8.29 -11.12 5.95
CA HIS B 81 8.04 -12.46 6.42
C HIS B 81 8.91 -13.38 5.57
N LEU B 82 9.07 -14.62 6.01
CA LEU B 82 9.89 -15.57 5.29
C LEU B 82 9.19 -15.93 3.99
N ALA B 83 9.95 -16.10 2.93
CA ALA B 83 9.41 -16.42 1.62
C ALA B 83 8.40 -17.55 1.61
N ASP B 84 8.60 -18.53 2.49
CA ASP B 84 7.72 -19.70 2.55
C ASP B 84 6.42 -19.51 3.34
N ARG B 85 6.35 -18.51 4.20
CA ARG B 85 5.16 -18.28 5.01
C ARG B 85 4.23 -17.17 4.51
N HIS B 86 3.12 -17.00 5.22
CA HIS B 86 2.11 -15.98 4.91
C HIS B 86 1.62 -15.95 3.49
N HIS B 87 1.26 -17.12 2.94
CA HIS B 87 0.76 -17.18 1.57
C HIS B 87 -0.75 -17.01 1.64
N HIS B 88 -1.20 -15.76 1.77
CA HIS B 88 -2.63 -15.46 1.84
C HIS B 88 -2.94 -13.98 1.67
N ILE B 89 -4.23 -13.66 1.83
CA ILE B 89 -4.73 -12.29 1.68
C ILE B 89 -5.03 -11.60 3.00
N HIS B 90 -4.53 -10.39 3.16
CA HIS B 90 -4.76 -9.61 4.38
C HIS B 90 -5.90 -8.64 4.18
N LEU B 91 -6.76 -8.56 5.20
CA LEU B 91 -7.91 -7.66 5.18
C LEU B 91 -7.74 -6.67 6.31
N VAL B 92 -7.48 -5.42 5.96
CA VAL B 92 -7.25 -4.38 6.95
C VAL B 92 -8.52 -3.66 7.36
N CYS B 93 -8.84 -3.71 8.65
CA CYS B 93 -10.03 -3.08 9.19
C CYS B 93 -9.92 -1.57 9.34
N ARG B 94 -10.98 -0.90 8.93
CA ARG B 94 -11.07 0.56 8.97
C ARG B 94 -11.12 1.15 10.37
N ASP B 95 -10.75 0.37 11.38
CA ASP B 95 -10.78 0.89 12.75
C ASP B 95 -10.09 -0.01 13.77
N CYS B 96 -10.49 -1.27 13.82
CA CYS B 96 -9.90 -2.22 14.76
C CYS B 96 -8.45 -2.53 14.39
N THR B 97 -7.56 -2.48 15.37
CA THR B 97 -6.14 -2.76 15.15
C THR B 97 -5.91 -4.26 14.98
N ASN B 98 -6.58 -4.85 14.00
CA ASN B 98 -6.45 -6.28 13.73
C ASN B 98 -6.56 -6.57 12.25
N VAL B 99 -5.68 -7.44 11.77
CA VAL B 99 -5.64 -7.83 10.37
C VAL B 99 -6.14 -9.27 10.25
N ILE B 100 -7.12 -9.49 9.39
CA ILE B 100 -7.64 -10.82 9.20
C ILE B 100 -7.03 -11.46 7.96
N GLU B 101 -6.46 -12.65 8.14
CA GLU B 101 -5.82 -13.40 7.07
C GLU B 101 -6.83 -14.36 6.45
N ALA B 102 -6.89 -14.39 5.13
CA ALA B 102 -7.85 -15.24 4.43
C ALA B 102 -7.23 -16.07 3.30
N ASP B 103 -7.52 -17.37 3.30
CA ASP B 103 -7.02 -18.27 2.27
C ASP B 103 -7.26 -17.63 0.91
N LEU B 104 -6.23 -17.55 0.07
CA LEU B 104 -6.39 -16.92 -1.23
C LEU B 104 -7.30 -17.63 -2.20
N SER B 105 -7.68 -18.87 -1.89
CA SER B 105 -8.58 -19.62 -2.76
C SER B 105 -9.90 -18.86 -2.71
N VAL B 106 -10.12 -18.22 -1.56
CA VAL B 106 -11.33 -17.43 -1.29
C VAL B 106 -11.38 -16.25 -2.27
N ALA B 107 -10.61 -16.34 -3.35
CA ALA B 107 -10.54 -15.31 -4.37
C ALA B 107 -10.22 -15.98 -5.70
N ALA B 108 -10.52 -17.27 -5.78
CA ALA B 108 -10.25 -18.07 -6.98
C ALA B 108 -10.94 -17.52 -8.21
N ASP B 109 -12.23 -17.22 -8.09
CA ASP B 109 -12.97 -16.70 -9.22
C ASP B 109 -12.51 -15.29 -9.57
N PHE B 110 -12.49 -14.42 -8.57
CA PHE B 110 -12.08 -13.03 -8.76
C PHE B 110 -10.79 -12.90 -9.58
N THR B 111 -9.73 -13.56 -9.12
CA THR B 111 -8.46 -13.50 -9.83
C THR B 111 -8.65 -13.93 -11.27
N ALA B 112 -9.46 -14.97 -11.46
CA ALA B 112 -9.73 -15.49 -12.80
C ALA B 112 -10.45 -14.43 -13.62
N LYS B 113 -11.48 -13.81 -13.02
CA LYS B 113 -12.25 -12.77 -13.69
C LYS B 113 -11.31 -11.69 -14.21
N LEU B 114 -10.27 -11.39 -13.43
CA LEU B 114 -9.28 -10.38 -13.79
C LEU B 114 -8.37 -10.88 -14.91
N ARG B 115 -7.90 -12.11 -14.78
CA ARG B 115 -7.02 -12.71 -15.77
C ARG B 115 -7.63 -12.64 -17.17
N GLU B 116 -8.96 -12.62 -17.25
CA GLU B 116 -9.67 -12.57 -18.53
C GLU B 116 -10.03 -11.14 -18.98
N GLN B 117 -10.99 -10.53 -18.27
CA GLN B 117 -11.46 -9.18 -18.61
C GLN B 117 -10.36 -8.13 -18.77
N PHE B 118 -9.17 -8.39 -18.25
CA PHE B 118 -8.06 -7.44 -18.33
C PHE B 118 -6.72 -8.06 -18.69
N GLY B 119 -6.65 -9.39 -18.66
CA GLY B 119 -5.41 -10.07 -18.97
C GLY B 119 -4.38 -9.71 -17.92
N PHE B 120 -4.86 -9.65 -16.67
CA PHE B 120 -4.05 -9.28 -15.51
C PHE B 120 -4.00 -10.46 -14.53
N ASP B 121 -2.80 -10.96 -14.27
CA ASP B 121 -2.63 -12.07 -13.34
C ASP B 121 -2.16 -11.56 -11.99
N THR B 122 -2.97 -11.80 -10.95
CA THR B 122 -2.65 -11.33 -9.62
C THR B 122 -2.72 -12.37 -8.52
N ASP B 123 -1.88 -12.14 -7.50
CA ASP B 123 -1.77 -13.00 -6.34
C ASP B 123 -2.75 -12.60 -5.24
N MET B 124 -2.99 -11.29 -5.10
CA MET B 124 -3.87 -10.74 -4.07
C MET B 124 -3.14 -10.62 -2.74
N LYS B 125 -1.86 -10.99 -2.74
CA LYS B 125 -1.05 -10.96 -1.54
C LYS B 125 -0.27 -9.67 -1.25
N HIS B 126 0.48 -9.19 -2.23
CA HIS B 126 1.32 -8.02 -2.06
C HIS B 126 0.70 -6.84 -1.33
N PHE B 127 -0.51 -6.47 -1.71
CA PHE B 127 -1.20 -5.36 -1.07
C PHE B 127 -2.40 -5.87 -0.29
N ALA B 128 -2.68 -5.20 0.82
CA ALA B 128 -3.82 -5.57 1.65
C ALA B 128 -5.11 -5.02 1.05
N ILE B 129 -6.24 -5.45 1.59
CA ILE B 129 -7.53 -4.98 1.14
C ILE B 129 -8.15 -4.26 2.32
N PHE B 130 -8.49 -3.00 2.12
CA PHE B 130 -9.07 -2.19 3.18
C PHE B 130 -10.61 -2.20 3.15
N GLY B 131 -11.21 -2.28 4.33
CA GLY B 131 -12.66 -2.30 4.42
C GLY B 131 -13.17 -2.23 5.84
N ARG B 132 -14.46 -2.53 6.02
CA ARG B 132 -15.10 -2.50 7.33
C ARG B 132 -15.37 -3.91 7.84
N CYS B 133 -15.13 -4.15 9.12
CA CYS B 133 -15.36 -5.47 9.69
C CYS B 133 -16.37 -5.41 10.84
N GLU B 134 -17.40 -6.26 10.74
CA GLU B 134 -18.44 -6.30 11.76
C GLU B 134 -17.88 -6.54 13.17
N SER B 135 -16.69 -7.14 13.22
CA SER B 135 -16.06 -7.44 14.50
C SER B 135 -15.31 -6.23 15.05
NI NI C . -4.50 5.19 3.14
ZN ZN D . -7.43 6.13 -10.49
CL CL E . 4.78 3.89 2.23
CL CL F . -19.62 26.92 -5.78
CL CL G . -7.16 14.23 -12.56
C1 EDO H . -1.57 8.42 4.34
O1 EDO H . -2.05 9.75 4.55
C2 EDO H . -2.67 7.42 4.72
O2 EDO H . -2.49 6.19 4.01
C1 EDO I . -17.05 20.78 9.98
O1 EDO I . -16.38 21.52 11.01
C2 EDO I . -18.38 21.44 9.67
O2 EDO I . -18.96 20.84 8.50
C1 MLI J . -5.86 3.46 5.99
C2 MLI J . -6.15 4.96 5.74
C3 MLI J . -4.77 2.82 5.11
O6 MLI J . -5.58 5.67 4.96
O7 MLI J . -7.11 5.37 6.57
O8 MLI J . -4.19 3.36 4.21
O9 MLI J . -4.59 1.54 5.45
C1 MLI K . -13.60 12.81 5.40
C2 MLI K . -15.02 13.43 5.37
C3 MLI K . -13.02 12.58 6.81
O6 MLI K . -15.66 13.75 6.32
O7 MLI K . -15.45 13.59 4.09
O8 MLI K . -13.58 12.83 7.85
O9 MLI K . -11.79 12.03 6.74
NI NI L . 6.02 -3.84 -2.44
ZN ZN M . 0.17 -12.53 6.84
CL CL N . 20.22 -26.32 6.27
CL CL O . 6.21 -14.96 11.80
C1 EDO P . 9.75 -2.38 -1.44
O1 EDO P . 10.63 -2.15 -0.34
C2 EDO P . 8.33 -1.98 -1.05
O2 EDO P . 7.48 -1.99 -2.20
C1 EDO Q . 18.77 -20.55 -6.66
O1 EDO Q . 17.62 -19.69 -6.61
C2 EDO Q . 18.38 -21.87 -7.32
O2 EDO Q . 19.52 -22.46 -7.94
C1 MLI R . 6.01 -3.45 -5.95
C2 MLI R . 5.00 -2.68 -5.09
C3 MLI R . 7.04 -4.29 -5.18
O6 MLI R . 4.91 -2.75 -3.90
O7 MLI R . 4.16 -1.95 -5.88
O8 MLI R . 7.14 -4.35 -4.00
O9 MLI R . 7.87 -4.91 -6.04
#